data_3K74
#
_entry.id   3K74
#
_cell.length_a   55.300
_cell.length_b   62.322
_cell.length_c   102.848
_cell.angle_alpha   90.000
_cell.angle_beta   90.000
_cell.angle_gamma   90.000
#
_symmetry.space_group_name_H-M   'P 21 21 21'
#
loop_
_entity.id
_entity.type
_entity.pdbx_description
1 polymer 'Dihydrofolate reductase'
2 polymer Nanobody
3 water water
#
loop_
_entity_poly.entity_id
_entity_poly.type
_entity_poly.pdbx_seq_one_letter_code
_entity_poly.pdbx_strand_id
1 'polypeptide(L)'
;MISLIAALAVDRVIGMENAMPWNLPADLAWFKRNTLNKPVIMGRHTWESIGRPLPGRKNIILSSQPGTDDRVTWVKSVDE
AIAACGDVPEIMVIGGGRVYEQFLPKAQKLYLTHIDAEVEGDTHFPDYEPDDWESVFSEFHDADAQNSHSYCFEILERR
;
A
2 'polypeptide(L)'
;QLQESGGGLVQPGGSLRLSCAASGFTFNNYWMYWVRRAPGKGLEWVSMINPGGIITKYAESVKGRFTISRDNAKNTLYLQ
MNSLTSEDTAVYYCAKDWATGLAKKGQGTQVTVSS
;
B
#
# COMPACT_ATOMS: atom_id res chain seq x y z
N MET A 1 -17.70 -13.28 -17.86
CA MET A 1 -16.77 -14.00 -16.90
C MET A 1 -16.39 -13.13 -15.72
N ILE A 2 -15.98 -13.77 -14.64
CA ILE A 2 -15.70 -13.01 -13.45
C ILE A 2 -14.19 -13.14 -13.33
N SER A 3 -13.52 -12.03 -13.07
CA SER A 3 -12.07 -12.04 -12.85
C SER A 3 -11.73 -11.37 -11.52
N LEU A 4 -10.69 -11.82 -10.82
CA LEU A 4 -10.19 -11.10 -9.65
C LEU A 4 -8.88 -10.40 -10.01
N ILE A 5 -8.62 -9.27 -9.41
CA ILE A 5 -7.31 -8.58 -9.61
C ILE A 5 -6.80 -8.18 -8.24
N ALA A 6 -5.54 -8.51 -7.93
CA ALA A 6 -5.02 -8.29 -6.59
C ALA A 6 -3.52 -8.07 -6.63
N ALA A 7 -2.95 -7.45 -5.60
CA ALA A 7 -1.51 -7.28 -5.47
C ALA A 7 -1.13 -8.13 -4.29
N LEU A 8 -0.20 -9.08 -4.47
CA LEU A 8 0.15 -9.99 -3.38
C LEU A 8 1.60 -9.72 -2.99
N ALA A 9 1.83 -9.50 -1.69
CA ALA A 9 3.15 -9.24 -1.21
C ALA A 9 3.74 -10.63 -0.87
N VAL A 10 4.91 -10.66 -0.29
CA VAL A 10 5.59 -11.89 0.07
C VAL A 10 4.60 -12.61 0.96
N ASP A 11 4.64 -13.96 0.92
CA ASP A 11 3.68 -14.81 1.61
C ASP A 11 2.20 -14.55 1.22
N ARG A 12 1.96 -13.93 0.05
CA ARG A 12 0.60 -13.68 -0.41
C ARG A 12 -0.25 -12.77 0.48
N VAL A 13 0.41 -11.90 1.25
CA VAL A 13 -0.30 -10.90 2.08
C VAL A 13 -0.95 -9.91 1.15
N ILE A 14 -2.17 -9.50 1.47
CA ILE A 14 -2.86 -8.47 0.70
C ILE A 14 -3.35 -7.46 1.71
N GLY A 15 -3.68 -6.27 1.24
CA GLY A 15 -4.20 -5.28 2.18
C GLY A 15 -4.53 -4.07 1.34
N MET A 16 -4.62 -2.92 1.98
CA MET A 16 -5.07 -1.69 1.32
C MET A 16 -3.87 -0.94 0.76
N GLU A 17 -3.91 -0.52 -0.48
CA GLU A 17 -2.72 0.10 -1.09
C GLU A 17 -2.20 1.29 -0.24
N ASN A 18 -3.11 2.09 0.30
CA ASN A 18 -2.70 3.24 1.11
C ASN A 18 -2.04 2.91 2.45
N ALA A 19 -2.16 1.63 2.88
CA ALA A 19 -1.51 1.21 4.10
C ALA A 19 -0.17 0.58 3.82
N MET A 20 0.20 0.41 2.54
CA MET A 20 1.42 -0.34 2.20
C MET A 20 2.61 0.60 1.96
N PRO A 21 3.77 0.23 2.47
CA PRO A 21 4.96 1.04 2.30
C PRO A 21 5.58 0.77 0.95
N TRP A 22 4.79 0.82 -0.12
CA TRP A 22 5.33 0.76 -1.46
C TRP A 22 4.72 1.84 -2.29
N ASN A 23 5.43 2.21 -3.34
CA ASN A 23 4.92 3.22 -4.28
C ASN A 23 5.11 2.60 -5.64
N LEU A 24 4.02 2.18 -6.28
CA LEU A 24 4.15 1.36 -7.52
C LEU A 24 3.26 1.93 -8.59
N PRO A 25 3.63 3.07 -9.20
CA PRO A 25 2.79 3.58 -10.27
C PRO A 25 2.62 2.57 -11.39
N ALA A 26 3.58 1.68 -11.59
CA ALA A 26 3.46 0.65 -12.67
C ALA A 26 2.29 -0.29 -12.37
N ASP A 27 2.14 -0.65 -11.11
CA ASP A 27 1.01 -1.46 -10.71
C ASP A 27 -0.31 -0.70 -10.81
N LEU A 28 -0.31 0.61 -10.50
CA LEU A 28 -1.52 1.42 -10.69
C LEU A 28 -1.90 1.43 -12.17
N ALA A 29 -0.93 1.56 -13.04
CA ALA A 29 -1.19 1.51 -14.48
C ALA A 29 -1.78 0.17 -14.97
N TRP A 30 -1.25 -0.93 -14.47
CA TRP A 30 -1.72 -2.26 -14.76
C TRP A 30 -3.16 -2.41 -14.29
N PHE A 31 -3.46 -1.91 -13.09
CA PHE A 31 -4.80 -1.99 -12.52
C PHE A 31 -5.75 -1.18 -13.39
N LYS A 32 -5.34 0.02 -13.74
CA LYS A 32 -6.22 0.87 -14.58
C LYS A 32 -6.46 0.21 -15.96
N ARG A 33 -5.40 -0.22 -16.64
CA ARG A 33 -5.54 -0.88 -17.94
C ARG A 33 -6.48 -2.10 -17.93
N ASN A 34 -6.41 -2.91 -16.86
CA ASN A 34 -7.25 -4.09 -16.75
C ASN A 34 -8.65 -3.85 -16.21
N THR A 35 -8.92 -2.67 -15.65
CA THR A 35 -10.26 -2.45 -15.08
C THR A 35 -11.04 -1.38 -15.84
N LEU A 36 -10.37 -0.54 -16.60
CA LEU A 36 -11.15 0.54 -17.25
C LEU A 36 -12.26 -0.06 -18.13
N ASN A 37 -13.41 0.65 -18.21
CA ASN A 37 -14.58 0.23 -19.01
C ASN A 37 -15.24 -1.05 -18.49
N LYS A 38 -14.90 -1.47 -17.28
CA LYS A 38 -15.49 -2.68 -16.68
C LYS A 38 -16.13 -2.38 -15.33
N PRO A 39 -17.11 -3.16 -14.92
CA PRO A 39 -17.59 -2.91 -13.58
C PRO A 39 -16.57 -3.46 -12.57
N VAL A 40 -16.42 -2.80 -11.42
CA VAL A 40 -15.53 -3.31 -10.33
C VAL A 40 -16.35 -3.50 -9.05
N ILE A 41 -16.13 -4.62 -8.38
CA ILE A 41 -16.87 -5.01 -7.19
C ILE A 41 -15.86 -4.99 -6.06
N MET A 42 -16.18 -4.31 -4.96
CA MET A 42 -15.24 -4.23 -3.81
C MET A 42 -16.03 -4.31 -2.53
N GLY A 43 -15.41 -4.69 -1.41
CA GLY A 43 -16.07 -4.68 -0.11
C GLY A 43 -15.98 -3.30 0.51
N ARG A 44 -16.63 -3.14 1.66
CA ARG A 44 -16.73 -1.85 2.31
C ARG A 44 -15.39 -1.26 2.77
N HIS A 45 -14.48 -2.08 3.32
CA HIS A 45 -13.15 -1.55 3.72
C HIS A 45 -12.35 -0.98 2.54
N THR A 46 -12.43 -1.61 1.38
CA THR A 46 -11.73 -1.13 0.19
C THR A 46 -12.32 0.23 -0.24
N TRP A 47 -13.65 0.29 -0.26
CA TRP A 47 -14.36 1.54 -0.59
C TRP A 47 -13.93 2.66 0.36
N GLU A 48 -13.94 2.36 1.68
CA GLU A 48 -13.56 3.36 2.66
C GLU A 48 -12.06 3.78 2.51
N SER A 49 -11.19 2.88 2.03
CA SER A 49 -9.78 3.20 1.84
C SER A 49 -9.58 4.03 0.61
N ILE A 50 -10.37 3.80 -0.44
CA ILE A 50 -10.21 4.59 -1.66
C ILE A 50 -10.88 5.96 -1.44
N GLY A 51 -12.06 5.98 -0.81
CA GLY A 51 -12.72 7.23 -0.36
C GLY A 51 -13.60 7.92 -1.40
N ARG A 52 -13.61 7.37 -2.61
CA ARG A 52 -14.26 7.98 -3.77
C ARG A 52 -14.37 6.92 -4.86
N PRO A 53 -15.26 7.12 -5.83
CA PRO A 53 -15.39 6.08 -6.84
C PRO A 53 -14.16 6.06 -7.73
N LEU A 54 -13.79 4.87 -8.22
CA LEU A 54 -12.67 4.79 -9.17
C LEU A 54 -13.25 5.33 -10.46
N PRO A 55 -12.64 6.39 -11.05
CA PRO A 55 -13.27 6.90 -12.27
C PRO A 55 -13.13 5.95 -13.47
N GLY A 56 -14.01 6.09 -14.47
CA GLY A 56 -13.98 5.27 -15.68
C GLY A 56 -14.42 3.82 -15.44
N ARG A 57 -14.95 3.53 -14.24
CA ARG A 57 -15.54 2.24 -13.94
C ARG A 57 -16.86 2.33 -13.19
N LYS A 58 -17.74 1.34 -13.37
CA LYS A 58 -18.94 1.21 -12.57
C LYS A 58 -18.56 0.62 -11.22
N ASN A 59 -18.73 1.39 -10.15
CA ASN A 59 -18.32 0.89 -8.81
C ASN A 59 -19.46 0.24 -8.07
N ILE A 60 -19.25 -1.00 -7.59
CA ILE A 60 -20.29 -1.74 -6.91
C ILE A 60 -19.70 -2.17 -5.57
N ILE A 61 -20.39 -1.90 -4.46
CA ILE A 61 -19.85 -2.15 -3.13
C ILE A 61 -20.67 -3.21 -2.47
N LEU A 62 -20.00 -4.29 -2.11
CA LEU A 62 -20.69 -5.40 -1.55
C LEU A 62 -20.48 -5.24 -0.06
N SER A 63 -21.55 -4.95 0.69
CA SER A 63 -21.44 -5.00 2.15
C SER A 63 -22.77 -5.30 2.79
N SER A 64 -22.73 -5.77 4.04
CA SER A 64 -23.92 -6.04 4.83
C SER A 64 -24.45 -4.77 5.49
N GLN A 65 -23.69 -3.68 5.40
CA GLN A 65 -24.15 -2.41 5.95
C GLN A 65 -23.92 -1.31 4.93
N PRO A 66 -24.99 -0.96 4.21
CA PRO A 66 -24.93 -0.27 2.95
C PRO A 66 -24.60 1.17 3.20
N GLY A 67 -24.64 1.96 2.13
CA GLY A 67 -23.93 3.19 2.22
C GLY A 67 -24.73 4.43 1.93
N THR A 68 -24.10 5.52 2.29
CA THR A 68 -24.52 6.84 1.89
C THR A 68 -23.45 7.17 0.86
N ASP A 69 -23.89 7.24 -0.40
CA ASP A 69 -23.10 7.69 -1.56
C ASP A 69 -23.78 7.27 -2.87
N ASP A 70 -24.22 8.25 -3.64
CA ASP A 70 -25.03 7.97 -4.79
C ASP A 70 -24.20 7.78 -6.04
N ARG A 71 -22.87 7.84 -5.90
CA ARG A 71 -21.98 7.68 -7.06
C ARG A 71 -21.66 6.21 -7.35
N VAL A 72 -22.04 5.34 -6.41
CA VAL A 72 -21.76 3.93 -6.50
C VAL A 72 -23.02 3.08 -6.23
N THR A 73 -22.94 1.79 -6.50
CA THR A 73 -24.08 0.91 -6.34
C THR A 73 -23.81 0.01 -5.14
N TRP A 74 -24.72 -0.01 -4.17
CA TRP A 74 -24.54 -0.81 -2.97
C TRP A 74 -25.29 -2.14 -3.10
N VAL A 75 -24.63 -3.25 -2.84
CA VAL A 75 -25.35 -4.53 -2.94
C VAL A 75 -25.06 -5.35 -1.71
N LYS A 76 -25.96 -6.29 -1.43
CA LYS A 76 -25.96 -7.08 -0.18
C LYS A 76 -25.50 -8.53 -0.41
N SER A 77 -25.37 -8.95 -1.66
CA SER A 77 -25.05 -10.35 -1.88
C SER A 77 -24.22 -10.51 -3.12
N VAL A 78 -23.50 -11.63 -3.23
CA VAL A 78 -22.74 -11.97 -4.47
C VAL A 78 -23.67 -11.91 -5.70
N ASP A 79 -24.84 -12.56 -5.63
CA ASP A 79 -25.76 -12.55 -6.78
C ASP A 79 -26.26 -11.17 -7.11
N GLU A 80 -26.48 -10.33 -6.10
CA GLU A 80 -26.89 -8.95 -6.38
C GLU A 80 -25.75 -8.18 -7.07
N ALA A 81 -24.52 -8.39 -6.61
CA ALA A 81 -23.34 -7.72 -7.23
C ALA A 81 -23.20 -8.09 -8.71
N ILE A 82 -23.38 -9.37 -9.00
CA ILE A 82 -23.29 -9.86 -10.38
C ILE A 82 -24.39 -9.26 -11.23
N ALA A 83 -25.62 -9.27 -10.73
CA ALA A 83 -26.74 -8.66 -11.49
C ALA A 83 -26.51 -7.17 -11.74
N ALA A 84 -25.94 -6.48 -10.74
CA ALA A 84 -25.65 -5.06 -10.82
C ALA A 84 -24.69 -4.73 -11.94
N CYS A 85 -23.86 -5.68 -12.34
CA CYS A 85 -22.95 -5.47 -13.46
C CYS A 85 -23.65 -5.49 -14.81
N GLY A 86 -24.79 -6.19 -14.88
CA GLY A 86 -25.58 -6.26 -16.10
C GLY A 86 -24.90 -7.05 -17.22
N ASP A 87 -25.20 -6.67 -18.47
CA ASP A 87 -24.79 -7.44 -19.64
C ASP A 87 -23.39 -7.02 -20.11
N VAL A 88 -22.36 -7.54 -19.43
CA VAL A 88 -20.97 -7.21 -19.72
C VAL A 88 -20.15 -8.50 -19.89
N PRO A 89 -19.04 -8.43 -20.64
CA PRO A 89 -18.16 -9.55 -20.88
C PRO A 89 -17.30 -9.94 -19.70
N GLU A 90 -16.91 -8.97 -18.89
CA GLU A 90 -15.95 -9.24 -17.82
C GLU A 90 -16.19 -8.34 -16.61
N ILE A 91 -16.39 -9.00 -15.47
CA ILE A 91 -16.60 -8.34 -14.15
C ILE A 91 -15.30 -8.41 -13.35
N MET A 92 -14.82 -7.28 -12.85
CA MET A 92 -13.56 -7.26 -12.09
C MET A 92 -13.84 -7.17 -10.60
N VAL A 93 -13.32 -8.12 -9.84
CA VAL A 93 -13.46 -8.13 -8.39
C VAL A 93 -12.14 -7.63 -7.78
N ILE A 94 -12.18 -6.53 -7.03
CA ILE A 94 -10.91 -5.87 -6.67
C ILE A 94 -10.64 -5.96 -5.20
N GLY A 95 -11.38 -6.84 -4.55
CA GLY A 95 -11.08 -7.13 -3.18
C GLY A 95 -11.96 -6.56 -2.10
N GLY A 96 -11.19 -6.53 -1.02
CA GLY A 96 -11.13 -7.28 0.10
C GLY A 96 -10.84 -8.76 0.05
N GLY A 97 -10.09 -9.25 1.02
CA GLY A 97 -9.96 -10.67 1.28
C GLY A 97 -11.27 -11.42 1.26
N ARG A 98 -12.26 -10.95 2.01
CA ARG A 98 -13.50 -11.67 2.11
C ARG A 98 -14.19 -11.65 0.77
N VAL A 99 -14.12 -10.52 0.07
CA VAL A 99 -14.70 -10.46 -1.26
C VAL A 99 -14.01 -11.41 -2.29
N TYR A 100 -12.67 -11.45 -2.31
CA TYR A 100 -11.93 -12.41 -3.15
C TYR A 100 -12.39 -13.84 -2.82
N GLU A 101 -12.49 -14.15 -1.53
CA GLU A 101 -12.96 -15.47 -1.13
C GLU A 101 -14.35 -15.83 -1.71
N GLN A 102 -15.27 -14.88 -1.71
CA GLN A 102 -16.63 -15.14 -2.15
C GLN A 102 -16.71 -15.34 -3.67
N PHE A 103 -15.87 -14.64 -4.42
CA PHE A 103 -15.91 -14.71 -5.87
C PHE A 103 -14.93 -15.69 -6.53
N LEU A 104 -13.92 -16.17 -5.82
CA LEU A 104 -12.92 -17.00 -6.47
C LEU A 104 -13.58 -18.25 -7.05
N PRO A 105 -14.48 -18.94 -6.29
CA PRO A 105 -15.10 -20.10 -6.92
C PRO A 105 -15.87 -19.85 -8.20
N LYS A 106 -16.25 -18.60 -8.45
CA LYS A 106 -16.97 -18.24 -9.68
C LYS A 106 -16.06 -17.70 -10.78
N ALA A 107 -14.78 -17.52 -10.45
CA ALA A 107 -13.83 -16.76 -11.31
C ALA A 107 -13.19 -17.61 -12.36
N GLN A 108 -12.90 -17.00 -13.50
CA GLN A 108 -12.29 -17.71 -14.63
C GLN A 108 -10.88 -17.19 -14.89
N LYS A 109 -10.58 -16.05 -14.31
CA LYS A 109 -9.31 -15.40 -14.60
C LYS A 109 -8.79 -14.63 -13.40
N LEU A 110 -7.47 -14.58 -13.23
CA LEU A 110 -6.87 -13.87 -12.11
C LEU A 110 -5.79 -12.96 -12.64
N TYR A 111 -5.81 -11.70 -12.23
CA TYR A 111 -4.74 -10.80 -12.59
C TYR A 111 -4.00 -10.47 -11.30
N LEU A 112 -2.73 -10.87 -11.20
CA LEU A 112 -1.99 -10.71 -9.99
C LEU A 112 -0.76 -9.89 -10.18
N THR A 113 -0.43 -9.06 -9.21
CA THR A 113 0.87 -8.41 -9.18
C THR A 113 1.59 -9.00 -7.99
N HIS A 114 2.76 -9.57 -8.21
CA HIS A 114 3.51 -10.20 -7.10
C HIS A 114 4.59 -9.21 -6.70
N ILE A 115 4.52 -8.73 -5.46
CA ILE A 115 5.38 -7.61 -5.05
C ILE A 115 6.47 -8.12 -4.14
N ASP A 116 7.73 -7.73 -4.40
CA ASP A 116 8.82 -8.19 -3.53
C ASP A 116 8.95 -7.25 -2.30
N ALA A 117 7.94 -7.32 -1.44
CA ALA A 117 7.88 -6.53 -0.20
C ALA A 117 7.31 -7.42 0.88
N GLU A 118 7.95 -7.52 2.05
CA GLU A 118 7.38 -8.18 3.23
C GLU A 118 6.63 -7.14 4.06
N VAL A 119 5.31 -7.24 4.11
CA VAL A 119 4.49 -6.20 4.72
C VAL A 119 3.44 -6.78 5.68
N GLU A 120 2.91 -5.96 6.58
CA GLU A 120 1.72 -6.33 7.33
C GLU A 120 0.46 -6.00 6.55
N GLY A 121 -0.47 -6.94 6.44
CA GLY A 121 -1.67 -6.68 5.64
C GLY A 121 -2.91 -7.13 6.41
N ASP A 122 -4.05 -7.11 5.75
CA ASP A 122 -5.32 -7.49 6.39
C ASP A 122 -5.40 -8.99 6.55
N THR A 123 -4.92 -9.70 5.54
CA THR A 123 -5.10 -11.14 5.45
C THR A 123 -4.22 -11.65 4.31
N HIS A 124 -4.48 -12.86 3.82
CA HIS A 124 -3.78 -13.35 2.66
C HIS A 124 -4.75 -13.59 1.51
N PHE A 125 -4.26 -13.57 0.28
CA PHE A 125 -5.10 -13.98 -0.86
C PHE A 125 -5.52 -15.45 -0.68
N PRO A 126 -6.77 -15.80 -1.02
CA PRO A 126 -7.29 -17.16 -0.85
C PRO A 126 -6.49 -18.19 -1.64
N ASP A 127 -6.36 -19.42 -1.12
CA ASP A 127 -5.81 -20.59 -1.83
C ASP A 127 -6.29 -20.64 -3.26
N TYR A 128 -5.38 -20.60 -4.24
CA TYR A 128 -5.78 -20.88 -5.62
C TYR A 128 -5.06 -22.11 -6.20
N GLU A 129 -5.39 -23.29 -5.61
CA GLU A 129 -4.80 -24.61 -5.95
C GLU A 129 -4.10 -24.60 -7.30
N PRO A 130 -2.78 -24.77 -7.27
CA PRO A 130 -1.98 -24.56 -8.48
C PRO A 130 -2.63 -25.24 -9.68
N ASP A 131 -3.11 -26.47 -9.51
CA ASP A 131 -3.62 -27.30 -10.61
C ASP A 131 -4.96 -26.94 -11.24
N ASP A 132 -5.69 -26.00 -10.65
CA ASP A 132 -6.94 -25.51 -11.23
C ASP A 132 -6.67 -24.35 -12.20
N TRP A 133 -5.44 -23.83 -12.23
CA TRP A 133 -5.11 -22.54 -12.91
C TRP A 133 -3.84 -22.71 -13.73
N GLU A 134 -3.80 -22.02 -14.88
CA GLU A 134 -2.67 -22.05 -15.77
C GLU A 134 -2.20 -20.64 -15.98
N SER A 135 -0.90 -20.43 -15.89
CA SER A 135 -0.35 -19.09 -16.08
C SER A 135 -0.24 -18.82 -17.59
N VAL A 136 -0.91 -17.76 -18.06
CA VAL A 136 -0.94 -17.40 -19.49
C VAL A 136 -0.15 -16.13 -19.86
N PHE A 137 0.40 -15.44 -18.86
CA PHE A 137 1.14 -14.20 -19.07
C PHE A 137 1.95 -13.93 -17.82
N SER A 138 3.17 -13.45 -17.98
CA SER A 138 4.02 -13.28 -16.82
C SER A 138 5.11 -12.28 -17.20
N GLU A 139 5.42 -11.31 -16.34
CA GLU A 139 6.41 -10.29 -16.69
C GLU A 139 7.02 -9.73 -15.42
N PHE A 140 8.35 -9.72 -15.36
CA PHE A 140 9.07 -9.27 -14.19
C PHE A 140 9.64 -7.87 -14.38
N HIS A 141 9.56 -7.05 -13.33
CA HIS A 141 10.17 -5.70 -13.36
C HIS A 141 11.00 -5.43 -12.15
N ASP A 142 12.15 -4.77 -12.32
CA ASP A 142 12.91 -4.31 -11.15
C ASP A 142 12.34 -3.00 -10.58
N ALA A 143 12.69 -2.73 -9.33
CA ALA A 143 12.46 -1.43 -8.70
C ALA A 143 13.20 -0.36 -9.48
N ASP A 144 12.68 0.86 -9.54
CA ASP A 144 13.39 1.94 -10.22
C ASP A 144 13.11 3.23 -9.48
N ALA A 145 13.36 4.36 -10.09
CA ALA A 145 13.15 5.63 -9.42
C ALA A 145 11.68 5.91 -9.07
N GLN A 146 10.75 5.28 -9.78
CA GLN A 146 9.34 5.61 -9.65
C GLN A 146 8.61 4.55 -8.83
N ASN A 147 9.16 3.33 -8.85
CA ASN A 147 8.52 2.16 -8.22
C ASN A 147 9.46 1.62 -7.15
N SER A 148 9.01 1.59 -5.89
CA SER A 148 9.94 1.39 -4.76
C SER A 148 10.42 -0.02 -4.62
N HIS A 149 9.64 -0.97 -5.17
CA HIS A 149 9.90 -2.40 -5.00
C HIS A 149 9.75 -3.08 -6.35
N SER A 150 10.34 -4.26 -6.49
CA SER A 150 10.22 -5.00 -7.76
C SER A 150 8.94 -5.79 -7.73
N TYR A 151 8.45 -6.08 -8.93
CA TYR A 151 7.09 -6.63 -9.04
C TYR A 151 7.02 -7.44 -10.33
N CYS A 152 6.09 -8.38 -10.33
CA CYS A 152 5.87 -9.25 -11.43
C CYS A 152 4.38 -9.27 -11.66
N PHE A 153 3.97 -9.08 -12.91
CA PHE A 153 2.59 -9.23 -13.28
C PHE A 153 2.33 -10.66 -13.75
N GLU A 154 1.15 -11.18 -13.47
CA GLU A 154 0.85 -12.53 -13.95
C GLU A 154 -0.65 -12.57 -14.23
N ILE A 155 -1.08 -13.26 -15.30
CA ILE A 155 -2.49 -13.59 -15.51
C ILE A 155 -2.63 -15.11 -15.53
N LEU A 156 -3.60 -15.66 -14.76
CA LEU A 156 -3.91 -17.08 -14.77
C LEU A 156 -5.34 -17.30 -15.24
N GLU A 157 -5.55 -18.39 -15.98
CA GLU A 157 -6.89 -18.78 -16.41
C GLU A 157 -7.23 -20.14 -15.86
N ARG A 158 -8.48 -20.27 -15.54
CA ARG A 158 -9.02 -21.43 -14.92
C ARG A 158 -8.96 -22.61 -15.91
N ARG A 159 -8.51 -23.76 -15.45
CA ARG A 159 -8.56 -24.98 -16.25
C ARG A 159 -9.99 -25.54 -16.42
N GLN B 1 25.65 2.92 6.80
CA GLN B 1 25.54 3.72 8.07
C GLN B 1 24.38 4.71 8.03
N LEU B 2 23.53 4.65 9.06
CA LEU B 2 22.40 5.56 9.20
C LEU B 2 22.40 5.98 10.66
N GLN B 3 22.32 7.28 10.91
CA GLN B 3 22.25 7.78 12.28
C GLN B 3 21.18 8.87 12.37
N GLU B 4 20.11 8.58 13.09
CA GLU B 4 19.03 9.56 13.35
C GLU B 4 19.37 10.55 14.49
N SER B 5 18.84 11.77 14.40
CA SER B 5 18.96 12.71 15.51
C SER B 5 17.74 13.64 15.50
N GLY B 6 17.60 14.45 16.57
CA GLY B 6 16.67 15.59 16.61
C GLY B 6 15.48 15.25 17.53
N GLY B 7 15.47 14.04 18.06
CA GLY B 7 14.35 13.60 18.92
C GLY B 7 14.36 14.36 20.23
N GLY B 8 13.24 14.37 20.94
CA GLY B 8 13.15 15.10 22.18
C GLY B 8 11.76 15.05 22.78
N LEU B 9 11.58 15.81 23.85
CA LEU B 9 10.31 15.92 24.52
C LEU B 9 9.61 17.17 23.99
N VAL B 10 8.38 17.02 23.52
CA VAL B 10 7.66 18.14 22.89
C VAL B 10 6.27 18.13 23.48
N GLN B 11 5.71 19.30 23.70
CA GLN B 11 4.32 19.43 24.14
C GLN B 11 3.35 19.17 22.98
N PRO B 12 2.17 18.60 23.27
CA PRO B 12 1.23 18.35 22.16
C PRO B 12 0.89 19.65 21.40
N GLY B 13 0.73 19.56 20.09
CA GLY B 13 0.58 20.72 19.23
C GLY B 13 1.94 21.25 18.73
N GLY B 14 3.04 20.82 19.34
CA GLY B 14 4.37 21.26 18.92
C GLY B 14 4.90 20.64 17.62
N SER B 15 6.06 21.12 17.15
CA SER B 15 6.70 20.68 15.92
C SER B 15 8.11 20.23 16.25
N LEU B 16 8.62 19.29 15.47
CA LEU B 16 9.99 18.82 15.64
C LEU B 16 10.47 18.33 14.29
N ARG B 17 11.74 18.49 13.98
CA ARG B 17 12.27 17.96 12.72
C ARG B 17 13.32 16.94 13.11
N LEU B 18 13.21 15.75 12.53
CA LEU B 18 14.24 14.74 12.74
C LEU B 18 15.16 14.75 11.53
N SER B 19 16.38 14.24 11.72
CA SER B 19 17.42 14.16 10.70
C SER B 19 18.00 12.77 10.71
N CYS B 20 18.46 12.33 9.53
CA CYS B 20 19.21 11.09 9.41
C CYS B 20 20.34 11.32 8.42
N ALA B 21 21.57 11.17 8.91
CA ALA B 21 22.83 11.23 8.12
C ALA B 21 23.14 9.83 7.59
N ALA B 22 23.35 9.74 6.27
CA ALA B 22 23.59 8.44 5.67
C ALA B 22 25.00 8.39 5.12
N SER B 23 25.66 7.24 5.25
CA SER B 23 26.95 6.99 4.55
C SER B 23 27.11 5.54 4.16
N GLY B 24 28.05 5.30 3.25
CA GLY B 24 28.46 3.94 2.86
C GLY B 24 27.65 3.28 1.77
N PHE B 25 26.68 4.01 1.22
CA PHE B 25 25.96 3.54 0.06
C PHE B 25 25.68 4.74 -0.85
N THR B 26 25.15 4.48 -2.04
CA THR B 26 24.85 5.55 -2.99
C THR B 26 23.47 6.14 -2.70
N PHE B 27 23.46 7.02 -1.72
CA PHE B 27 22.23 7.55 -1.11
C PHE B 27 21.28 7.99 -2.21
N ASN B 28 21.78 8.74 -3.18
CA ASN B 28 20.89 9.33 -4.15
C ASN B 28 20.19 8.32 -5.06
N ASN B 29 20.58 7.02 -4.97
CA ASN B 29 20.00 5.94 -5.80
C ASN B 29 18.87 5.18 -5.10
N TYR B 30 18.60 5.50 -3.83
CA TYR B 30 17.72 4.65 -3.01
C TYR B 30 16.50 5.40 -2.49
N TRP B 31 15.35 4.71 -2.47
CA TRP B 31 14.17 5.12 -1.70
C TRP B 31 14.57 5.08 -0.23
N MET B 32 14.07 6.04 0.56
CA MET B 32 14.36 6.08 2.00
C MET B 32 13.05 6.20 2.72
N TYR B 33 13.04 5.71 3.97
CA TYR B 33 11.83 5.55 4.76
C TYR B 33 12.06 6.10 6.17
N TRP B 34 10.98 6.56 6.79
CA TRP B 34 10.94 6.75 8.24
C TRP B 34 9.94 5.76 8.78
N VAL B 35 10.34 5.11 9.85
CA VAL B 35 9.48 4.13 10.53
C VAL B 35 9.51 4.45 12.01
N ARG B 36 8.51 4.00 12.78
CA ARG B 36 8.57 4.26 14.21
C ARG B 36 8.13 3.08 15.03
N ARG B 37 8.65 2.99 16.26
CA ARG B 37 8.25 1.97 17.22
C ARG B 37 7.67 2.60 18.46
N ALA B 38 6.36 2.51 18.59
CA ALA B 38 5.71 3.08 19.78
C ALA B 38 5.81 2.04 20.87
N PRO B 39 5.77 2.51 22.13
CA PRO B 39 5.86 1.63 23.29
C PRO B 39 4.94 0.41 23.18
N GLY B 40 5.52 -0.78 23.25
CA GLY B 40 4.79 -2.05 23.21
C GLY B 40 4.43 -2.53 21.82
N LYS B 41 4.79 -1.76 20.79
CA LYS B 41 4.26 -2.04 19.44
C LYS B 41 5.32 -2.47 18.41
N GLY B 42 4.89 -3.00 17.29
CA GLY B 42 5.77 -3.31 16.20
C GLY B 42 6.16 -2.02 15.51
N LEU B 43 6.98 -2.14 14.48
CA LEU B 43 7.45 -1.02 13.72
C LEU B 43 6.37 -0.68 12.72
N GLU B 44 6.20 0.61 12.49
CA GLU B 44 5.08 1.09 11.73
C GLU B 44 5.72 2.10 10.80
N TRP B 45 5.62 1.88 9.50
CA TRP B 45 6.16 2.85 8.59
C TRP B 45 5.38 4.14 8.69
N VAL B 46 6.04 5.26 8.39
CA VAL B 46 5.43 6.55 8.56
C VAL B 46 5.48 7.34 7.23
N SER B 47 6.61 7.22 6.51
CA SER B 47 6.88 8.09 5.35
C SER B 47 7.96 7.44 4.45
N MET B 48 7.92 7.74 3.16
CA MET B 48 8.92 7.23 2.24
C MET B 48 9.09 8.25 1.12
N ILE B 49 10.25 8.24 0.47
CA ILE B 49 10.56 9.24 -0.54
C ILE B 49 11.42 8.59 -1.60
N ASN B 50 11.18 8.91 -2.89
CA ASN B 50 12.02 8.33 -3.96
C ASN B 50 13.39 9.00 -4.08
N PRO B 51 14.34 8.37 -4.79
CA PRO B 51 15.72 8.87 -4.92
C PRO B 51 15.85 10.37 -5.19
N GLY B 52 15.12 10.89 -6.18
CA GLY B 52 15.26 12.33 -6.54
C GLY B 52 14.46 13.23 -5.62
N GLY B 53 13.66 12.62 -4.75
CA GLY B 53 13.00 13.41 -3.74
C GLY B 53 11.71 14.04 -4.24
N ILE B 54 11.19 13.57 -5.37
CA ILE B 54 9.96 14.13 -5.96
C ILE B 54 8.71 13.28 -5.82
N ILE B 55 8.86 12.06 -5.28
CA ILE B 55 7.70 11.22 -5.01
C ILE B 55 7.76 10.93 -3.52
N THR B 56 6.65 11.14 -2.83
CA THR B 56 6.57 10.80 -1.42
C THR B 56 5.26 10.03 -1.14
N LYS B 57 5.24 9.30 -0.04
CA LYS B 57 4.01 8.66 0.39
C LYS B 57 4.01 8.61 1.92
N TYR B 58 2.84 8.78 2.53
CA TYR B 58 2.72 8.93 3.97
C TYR B 58 1.71 7.95 4.48
N ALA B 59 1.95 7.41 5.67
CA ALA B 59 0.93 6.61 6.34
C ALA B 59 -0.29 7.50 6.71
N GLU B 60 -1.48 6.92 6.76
CA GLU B 60 -2.70 7.74 7.00
C GLU B 60 -2.66 8.50 8.32
N SER B 61 -2.04 7.90 9.34
CA SER B 61 -1.91 8.52 10.67
C SER B 61 -1.10 9.87 10.71
N VAL B 62 -0.35 10.18 9.65
CA VAL B 62 0.52 11.37 9.65
C VAL B 62 0.28 12.29 8.45
N LYS B 63 -0.65 11.90 7.57
CA LYS B 63 -0.89 12.72 6.36
C LYS B 63 -1.39 14.10 6.79
N GLY B 64 -0.86 15.13 6.14
CA GLY B 64 -1.23 16.51 6.45
C GLY B 64 -0.41 17.10 7.60
N ARG B 65 0.35 16.24 8.31
CA ARG B 65 1.08 16.68 9.50
C ARG B 65 2.61 16.52 9.33
N PHE B 66 3.08 15.44 8.70
CA PHE B 66 4.51 15.18 8.52
C PHE B 66 4.90 15.45 7.05
N THR B 67 6.14 15.86 6.84
CA THR B 67 6.76 16.02 5.54
C THR B 67 8.12 15.32 5.56
N ILE B 68 8.33 14.39 4.64
CA ILE B 68 9.63 13.80 4.42
C ILE B 68 10.34 14.55 3.31
N SER B 69 11.65 14.72 3.45
CA SER B 69 12.46 15.38 2.42
C SER B 69 13.88 14.84 2.55
N ARG B 70 14.69 15.17 1.56
CA ARG B 70 16.05 14.69 1.54
C ARG B 70 16.96 15.70 0.86
N ASP B 71 18.23 15.66 1.26
CA ASP B 71 19.23 16.48 0.56
C ASP B 71 20.29 15.53 0.05
N ASN B 72 20.29 15.29 -1.25
CA ASN B 72 21.15 14.27 -1.81
C ASN B 72 22.60 14.70 -1.79
N ALA B 73 22.84 16.02 -1.75
CA ALA B 73 24.18 16.57 -1.69
C ALA B 73 24.79 16.36 -0.32
N LYS B 74 23.95 16.39 0.71
CA LYS B 74 24.40 16.21 2.08
C LYS B 74 24.19 14.77 2.56
N ASN B 75 23.50 13.96 1.76
CA ASN B 75 23.16 12.59 2.13
C ASN B 75 22.37 12.55 3.42
N THR B 76 21.39 13.44 3.53
CA THR B 76 20.59 13.52 4.74
C THR B 76 19.12 13.37 4.42
N LEU B 77 18.41 12.72 5.33
CA LEU B 77 16.99 12.56 5.20
C LEU B 77 16.37 13.34 6.37
N TYR B 78 15.16 13.90 6.14
CA TYR B 78 14.52 14.74 7.12
C TYR B 78 13.09 14.29 7.33
N LEU B 79 12.60 14.47 8.54
CA LEU B 79 11.16 14.29 8.79
C LEU B 79 10.68 15.50 9.60
N GLN B 80 9.90 16.36 8.97
CA GLN B 80 9.26 17.45 9.64
C GLN B 80 7.96 16.95 10.22
N MET B 81 7.81 17.09 11.54
CA MET B 81 6.60 16.64 12.24
C MET B 81 5.88 17.83 12.87
N ASN B 82 4.64 18.11 12.44
CA ASN B 82 3.85 19.18 13.02
C ASN B 82 2.63 18.65 13.74
N SER B 83 1.98 19.49 14.54
CA SER B 83 0.77 19.11 15.27
C SER B 83 0.95 17.76 15.95
N LEU B 84 2.00 17.63 16.74
CA LEU B 84 2.30 16.36 17.37
C LEU B 84 1.29 16.04 18.45
N THR B 85 0.97 14.76 18.59
CA THR B 85 -0.02 14.33 19.59
C THR B 85 0.60 13.21 20.39
N SER B 86 0.01 12.90 21.53
CA SER B 86 0.57 11.85 22.34
C SER B 86 0.79 10.54 21.56
N GLU B 87 -0.05 10.29 20.58
CA GLU B 87 0.03 9.04 19.85
C GLU B 87 1.22 9.00 18.88
N ASP B 88 1.95 10.12 18.76
CA ASP B 88 3.15 10.13 17.94
C ASP B 88 4.38 9.78 18.73
N THR B 89 4.23 9.54 20.03
CA THR B 89 5.36 9.14 20.88
C THR B 89 5.95 7.78 20.44
N ALA B 90 7.27 7.72 20.23
CA ALA B 90 7.90 6.56 19.62
C ALA B 90 9.36 6.78 19.38
N VAL B 91 10.09 5.70 19.18
CA VAL B 91 11.44 5.78 18.63
C VAL B 91 11.26 5.79 17.13
N TYR B 92 11.78 6.83 16.47
CA TYR B 92 11.78 6.97 15.03
C TYR B 92 13.09 6.53 14.44
N TYR B 93 13.03 5.80 13.32
CA TYR B 93 14.20 5.30 12.61
C TYR B 93 14.14 5.66 11.14
N CYS B 94 15.29 5.94 10.51
CA CYS B 94 15.37 6.07 9.06
C CYS B 94 15.87 4.70 8.60
N ALA B 95 15.38 4.27 7.45
CA ALA B 95 15.61 2.90 6.93
C ALA B 95 15.82 2.97 5.44
N LYS B 96 16.69 2.09 4.95
CA LYS B 96 16.96 1.85 3.54
C LYS B 96 16.38 0.45 3.23
N ASP B 97 15.93 0.25 2.00
CA ASP B 97 15.43 -1.09 1.58
C ASP B 97 14.36 -1.64 2.52
N TRP B 98 13.53 -0.76 3.09
CA TRP B 98 12.43 -1.20 3.98
C TRP B 98 11.53 -2.23 3.31
N ALA B 99 11.03 -3.20 4.08
CA ALA B 99 10.14 -4.26 3.57
C ALA B 99 10.83 -5.23 2.64
N THR B 100 12.16 -5.32 2.74
CA THR B 100 12.87 -6.37 2.04
C THR B 100 13.87 -6.99 3.04
N GLY B 101 14.51 -8.10 2.67
CA GLY B 101 15.58 -8.68 3.49
C GLY B 101 16.87 -7.87 3.56
N LEU B 102 16.99 -6.86 2.70
CA LEU B 102 18.10 -5.92 2.74
C LEU B 102 17.81 -4.70 3.66
N ALA B 103 16.66 -4.68 4.31
CA ALA B 103 16.24 -3.58 5.18
C ALA B 103 17.30 -3.30 6.24
N LYS B 104 17.62 -2.02 6.40
CA LYS B 104 18.51 -1.54 7.45
C LYS B 104 17.99 -0.19 7.96
N LYS B 105 18.13 0.02 9.26
CA LYS B 105 17.72 1.27 9.86
C LYS B 105 18.75 1.65 10.92
N GLY B 106 18.69 2.91 11.35
CA GLY B 106 19.62 3.40 12.38
C GLY B 106 19.30 2.88 13.78
N GLN B 107 19.96 3.43 14.80
CA GLN B 107 19.65 3.08 16.18
C GLN B 107 18.42 3.83 16.67
N GLY B 108 18.03 4.89 15.98
CA GLY B 108 16.76 5.52 16.29
C GLY B 108 16.88 6.78 17.13
N THR B 109 15.84 7.60 17.12
CA THR B 109 15.81 8.78 17.98
C THR B 109 14.44 8.86 18.69
N GLN B 110 14.46 9.05 20.02
CA GLN B 110 13.23 9.06 20.81
C GLN B 110 12.46 10.38 20.71
N VAL B 111 11.18 10.25 20.37
CA VAL B 111 10.28 11.39 20.39
C VAL B 111 9.23 11.12 21.46
N THR B 112 9.18 11.98 22.48
CA THR B 112 8.11 11.89 23.50
C THR B 112 7.19 13.09 23.45
N VAL B 113 5.91 12.86 23.17
CA VAL B 113 4.96 13.96 23.08
C VAL B 113 4.11 13.95 24.35
N SER B 114 4.28 14.97 25.17
CA SER B 114 3.75 14.92 26.53
C SER B 114 3.41 16.32 27.02
N SER B 115 2.25 16.42 27.68
CA SER B 115 1.65 17.66 28.15
C SER B 115 2.05 18.01 29.58
#